data_5DYA
#
_entry.id   5DYA
#
_cell.length_a   61.163
_cell.length_b   61.163
_cell.length_c   62.153
_cell.angle_alpha   90.00
_cell.angle_beta   90.00
_cell.angle_gamma   120.00
#
_symmetry.space_group_name_H-M   'P 32 2 1'
#
loop_
_entity.id
_entity.type
_entity.pdbx_description
1 polymer Peregrin
2 non-polymer 'NITRATE ION'
3 non-polymer '(2R)-2-ethyl-3-oxo-1,2,3,4-tetrahydroquinoxaline-6-carboxylic acid'
4 water water
#
_entity_poly.entity_id   1
_entity_poly.type   'polypeptide(L)'
_entity_poly.pdbx_seq_one_letter_code
;SMEMQLTPFLILLRKTLEQLQEKDTGNIFSEPVPLSEVPDYLDHIKKPMDFFTMKQNLEAYRYLNFDDFEEDFNLIVSNC
LKYNAKDTIFYRAAVRLREQGGAVLRQARRQAEKMG
;
_entity_poly.pdbx_strand_id   A
#
loop_
_chem_comp.id
_chem_comp.type
_chem_comp.name
_chem_comp.formula
5GV non-polymer '(2R)-2-ethyl-3-oxo-1,2,3,4-tetrahydroquinoxaline-6-carboxylic acid' 'C11 H12 N2 O3'
NO3 non-polymer 'NITRATE ION' 'N O3 -1'
#
# COMPACT_ATOMS: atom_id res chain seq x y z
N MET A 4 -10.50 -21.44 9.90
CA MET A 4 -9.58 -20.36 9.51
C MET A 4 -9.98 -19.06 10.20
N GLN A 5 -9.22 -18.68 11.21
CA GLN A 5 -9.64 -17.69 12.19
C GLN A 5 -9.25 -16.28 11.77
N LEU A 6 -10.09 -15.31 12.17
CA LEU A 6 -9.88 -13.93 11.74
C LEU A 6 -8.72 -13.28 12.47
N THR A 7 -8.58 -13.54 13.78
CA THR A 7 -7.53 -12.85 14.54
C THR A 7 -6.14 -13.12 14.00
N PRO A 8 -5.69 -14.35 13.78
CA PRO A 8 -4.35 -14.54 13.19
C PRO A 8 -4.20 -13.92 11.82
N PHE A 9 -5.27 -13.95 11.01
CA PHE A 9 -5.22 -13.32 9.70
C PHE A 9 -4.93 -11.82 9.82
N LEU A 10 -5.60 -11.13 10.73
CA LEU A 10 -5.37 -9.69 10.87
C LEU A 10 -3.98 -9.41 11.43
N ILE A 11 -3.51 -10.26 12.34
CA ILE A 11 -2.13 -10.14 12.81
C ILE A 11 -1.17 -10.23 11.63
N LEU A 12 -1.41 -11.18 10.73
CA LEU A 12 -0.54 -11.32 9.55
C LEU A 12 -0.62 -10.08 8.66
N LEU A 13 -1.82 -9.55 8.43
CA LEU A 13 -1.92 -8.34 7.62
C LEU A 13 -1.22 -7.17 8.28
N ARG A 14 -1.31 -7.06 9.61
CA ARG A 14 -0.63 -5.98 10.32
C ARG A 14 0.87 -6.08 10.15
N LYS A 15 1.40 -7.29 10.31
CA LYS A 15 2.84 -7.51 10.12
C LYS A 15 3.25 -7.21 8.68
N THR A 16 2.47 -7.72 7.72
CA THR A 16 2.74 -7.45 6.31
C THR A 16 2.73 -5.96 6.02
N LEU A 17 1.73 -5.24 6.55
CA LEU A 17 1.66 -3.81 6.32
C LEU A 17 2.89 -3.11 6.91
N GLU A 18 3.35 -3.53 8.09
CA GLU A 18 4.55 -2.98 8.68
C GLU A 18 5.76 -3.25 7.78
N GLN A 19 5.82 -4.44 7.18
CA GLN A 19 6.96 -4.77 6.31
C GLN A 19 6.93 -3.94 5.05
N LEU A 20 5.72 -3.69 4.51
CA LEU A 20 5.59 -2.83 3.35
C LEU A 20 6.00 -1.39 3.67
N GLN A 21 5.55 -0.87 4.81
CA GLN A 21 5.95 0.48 5.20
C GLN A 21 7.45 0.60 5.37
N GLU A 22 8.11 -0.48 5.81
CA GLU A 22 9.57 -0.46 5.96
C GLU A 22 10.27 -0.23 4.65
N LYS A 23 9.71 -0.70 3.55
CA LYS A 23 10.27 -0.45 2.22
C LYS A 23 10.09 0.98 1.75
N ASP A 24 9.25 1.76 2.44
CA ASP A 24 9.06 3.18 2.12
C ASP A 24 9.92 3.99 3.08
N THR A 25 11.24 4.01 2.79
CA THR A 25 12.17 4.62 3.72
C THR A 25 11.99 6.12 3.81
N GLY A 26 11.57 6.77 2.70
CA GLY A 26 11.28 8.19 2.73
C GLY A 26 9.92 8.56 3.27
N ASN A 27 9.12 7.56 3.61
CA ASN A 27 7.76 7.74 4.13
C ASN A 27 6.91 8.62 3.23
N ILE A 28 7.09 8.48 1.91
CA ILE A 28 6.30 9.25 0.97
C ILE A 28 4.97 8.58 0.66
N PHE A 29 4.81 7.32 1.06
CA PHE A 29 3.58 6.56 0.85
C PHE A 29 2.82 6.30 2.13
N SER A 30 3.28 6.81 3.28
CA SER A 30 2.69 6.38 4.54
CA SER A 30 2.73 6.42 4.57
C SER A 30 1.55 7.27 5.01
N GLU A 31 1.30 8.40 4.36
CA GLU A 31 0.21 9.27 4.70
C GLU A 31 -0.45 9.75 3.41
N PRO A 32 -1.71 10.20 3.48
CA PRO A 32 -2.36 10.68 2.26
C PRO A 32 -1.55 11.79 1.61
N VAL A 33 -1.55 11.81 0.28
CA VAL A 33 -0.85 12.84 -0.48
C VAL A 33 -1.37 14.19 0.00
N PRO A 34 -0.52 15.02 0.62
CA PRO A 34 -1.01 16.28 1.17
C PRO A 34 -1.54 17.20 0.08
N LEU A 35 -2.87 17.28 -0.01
CA LEU A 35 -3.52 18.07 -1.04
C LEU A 35 -3.06 19.53 -1.02
N SER A 36 -2.55 20.01 0.11
CA SER A 36 -1.97 21.35 0.16
C SER A 36 -0.88 21.50 -0.90
N GLU A 37 0.03 20.53 -0.97
CA GLU A 37 1.15 20.62 -1.90
C GLU A 37 0.74 20.25 -3.32
N VAL A 38 -0.20 19.33 -3.48
CA VAL A 38 -0.56 18.81 -4.79
C VAL A 38 -2.03 19.09 -5.07
N PRO A 39 -2.42 20.34 -5.33
CA PRO A 39 -3.86 20.67 -5.39
C PRO A 39 -4.60 19.98 -6.52
N ASP A 40 -3.93 19.63 -7.61
CA ASP A 40 -4.59 18.98 -8.73
C ASP A 40 -4.61 17.46 -8.63
N TYR A 41 -4.21 16.91 -7.48
CA TYR A 41 -3.95 15.47 -7.38
C TYR A 41 -5.21 14.65 -7.67
N LEU A 42 -6.37 15.11 -7.21
CA LEU A 42 -7.60 14.35 -7.43
C LEU A 42 -8.20 14.55 -8.82
N ASP A 43 -7.56 15.32 -9.69
CA ASP A 43 -8.12 15.55 -11.02
C ASP A 43 -8.13 14.27 -11.85
N HIS A 44 -7.15 13.39 -11.64
CA HIS A 44 -7.10 12.12 -12.35
C HIS A 44 -6.78 10.94 -11.45
N ILE A 45 -6.59 11.16 -10.15
CA ILE A 45 -6.42 10.07 -9.17
C ILE A 45 -7.78 9.86 -8.51
N LYS A 46 -8.52 8.84 -8.96
CA LYS A 46 -9.89 8.67 -8.50
C LYS A 46 -9.99 8.03 -7.13
N LYS A 47 -9.03 7.18 -6.76
CA LYS A 47 -9.02 6.57 -5.42
C LYS A 47 -7.62 6.69 -4.83
N PRO A 48 -7.34 7.80 -4.16
CA PRO A 48 -6.07 7.92 -3.42
C PRO A 48 -5.93 6.82 -2.39
N MET A 49 -4.68 6.42 -2.14
CA MET A 49 -4.42 5.39 -1.15
C MET A 49 -3.03 5.60 -0.58
N ASP A 50 -2.83 5.14 0.66
CA ASP A 50 -1.60 5.30 1.40
C ASP A 50 -1.62 4.30 2.55
N PHE A 51 -0.45 4.14 3.19
CA PHE A 51 -0.35 3.12 4.23
C PHE A 51 -1.15 3.48 5.48
N PHE A 52 -1.32 4.76 5.79
CA PHE A 52 -2.13 5.09 6.96
C PHE A 52 -3.58 4.72 6.72
N THR A 53 -4.07 5.03 5.52
CA THR A 53 -5.45 4.66 5.17
C THR A 53 -5.62 3.15 5.15
N MET A 54 -4.61 2.41 4.67
CA MET A 54 -4.70 0.96 4.69
C MET A 54 -4.80 0.43 6.12
N LYS A 55 -4.05 1.04 7.04
CA LYS A 55 -4.13 0.65 8.44
C LYS A 55 -5.53 0.87 8.99
N GLN A 56 -6.15 1.99 8.62
N GLN A 56 -6.14 2.02 8.65
CA GLN A 56 -7.50 2.27 9.08
CA GLN A 56 -7.50 2.29 9.06
C GLN A 56 -8.50 1.30 8.48
C GLN A 56 -8.45 1.25 8.49
N ASN A 57 -8.32 0.96 7.19
CA ASN A 57 -9.17 -0.05 6.57
C ASN A 57 -8.98 -1.41 7.24
N LEU A 58 -7.74 -1.78 7.52
CA LEU A 58 -7.46 -3.05 8.20
C LEU A 58 -8.22 -3.15 9.52
N GLU A 59 -8.10 -2.13 10.37
CA GLU A 59 -8.74 -2.20 11.67
C GLU A 59 -10.26 -2.09 11.59
N ALA A 60 -10.77 -1.50 10.52
CA ALA A 60 -12.21 -1.45 10.28
C ALA A 60 -12.76 -2.75 9.70
N TYR A 61 -11.95 -3.80 9.65
CA TYR A 61 -12.33 -5.10 9.11
C TYR A 61 -12.75 -5.01 7.64
N ARG A 62 -12.08 -4.16 6.88
CA ARG A 62 -12.37 -4.04 5.45
C ARG A 62 -11.50 -4.95 4.59
N TYR A 63 -10.50 -5.61 5.17
CA TYR A 63 -9.66 -6.60 4.48
C TYR A 63 -9.94 -7.95 5.13
N LEU A 64 -10.82 -8.73 4.50
CA LEU A 64 -11.12 -10.07 4.97
C LEU A 64 -10.57 -11.15 4.04
N ASN A 65 -9.80 -10.75 3.03
CA ASN A 65 -9.05 -11.71 2.23
C ASN A 65 -7.77 -11.04 1.79
N PHE A 66 -6.82 -11.85 1.36
CA PHE A 66 -5.51 -11.29 1.05
C PHE A 66 -5.59 -10.37 -0.15
N ASP A 67 -6.40 -10.71 -1.15
CA ASP A 67 -6.36 -9.95 -2.39
C ASP A 67 -6.91 -8.53 -2.21
N ASP A 68 -7.87 -8.32 -1.29
CA ASP A 68 -8.35 -6.96 -1.09
C ASP A 68 -7.28 -6.08 -0.44
N PHE A 69 -6.46 -6.66 0.45
CA PHE A 69 -5.33 -5.95 1.02
C PHE A 69 -4.31 -5.61 -0.05
N GLU A 70 -3.96 -6.61 -0.86
CA GLU A 70 -2.96 -6.41 -1.91
C GLU A 70 -3.42 -5.39 -2.94
N GLU A 71 -4.73 -5.37 -3.24
CA GLU A 71 -5.26 -4.40 -4.20
C GLU A 71 -5.00 -2.97 -3.75
N ASP A 72 -5.16 -2.68 -2.44
CA ASP A 72 -4.91 -1.31 -2.00
C ASP A 72 -3.43 -0.97 -2.03
N PHE A 73 -2.57 -1.94 -1.75
CA PHE A 73 -1.14 -1.69 -1.94
C PHE A 73 -0.84 -1.36 -3.40
N ASN A 74 -1.39 -2.14 -4.33
CA ASN A 74 -1.17 -1.89 -5.74
C ASN A 74 -1.68 -0.50 -6.15
N LEU A 75 -2.72 -0.01 -5.48
CA LEU A 75 -3.23 1.34 -5.73
C LEU A 75 -2.20 2.39 -5.36
N ILE A 76 -1.54 2.22 -4.20
CA ILE A 76 -0.47 3.15 -3.82
C ILE A 76 0.54 3.25 -4.95
N VAL A 77 0.95 2.09 -5.44
CA VAL A 77 1.94 2.02 -6.52
C VAL A 77 1.39 2.64 -7.80
N SER A 78 0.21 2.21 -8.24
CA SER A 78 -0.29 2.67 -9.53
CA SER A 78 -0.30 2.66 -9.53
C SER A 78 -0.64 4.15 -9.51
N ASN A 79 -1.16 4.65 -8.39
CA ASN A 79 -1.44 6.08 -8.28
C ASN A 79 -0.17 6.89 -8.50
N CYS A 80 0.94 6.42 -7.93
CA CYS A 80 2.20 7.16 -8.01
C CYS A 80 2.77 7.13 -9.43
N LEU A 81 2.72 5.97 -10.10
CA LEU A 81 3.16 5.88 -11.48
C LEU A 81 2.30 6.76 -12.38
N LYS A 82 1.01 6.84 -12.09
CA LYS A 82 0.10 7.61 -12.93
C LYS A 82 0.33 9.10 -12.75
N TYR A 83 0.48 9.57 -11.51
CA TYR A 83 0.51 11.01 -11.30
C TYR A 83 1.86 11.62 -11.66
N ASN A 84 2.96 10.94 -11.37
CA ASN A 84 4.29 11.53 -11.49
C ASN A 84 4.94 11.17 -12.82
N ALA A 85 5.72 12.11 -13.37
CA ALA A 85 6.40 11.85 -14.62
C ALA A 85 7.47 10.78 -14.43
N LYS A 86 7.85 10.14 -15.54
CA LYS A 86 8.73 8.98 -15.47
C LYS A 86 10.12 9.36 -14.99
N ASP A 87 10.52 10.62 -15.18
CA ASP A 87 11.87 11.04 -14.85
C ASP A 87 11.98 11.54 -13.41
N THR A 88 10.96 11.34 -12.60
CA THR A 88 10.98 11.84 -11.23
C THR A 88 11.48 10.79 -10.27
N ILE A 89 12.00 11.26 -9.13
CA ILE A 89 12.30 10.35 -8.03
C ILE A 89 11.05 9.57 -7.61
N PHE A 90 9.90 10.24 -7.51
CA PHE A 90 8.68 9.60 -7.06
C PHE A 90 8.31 8.40 -7.94
N TYR A 91 8.39 8.58 -9.25
CA TYR A 91 8.05 7.49 -10.16
C TYR A 91 8.95 6.28 -9.92
N ARG A 92 10.27 6.52 -9.82
CA ARG A 92 11.21 5.44 -9.57
C ARG A 92 10.97 4.80 -8.21
N ALA A 93 10.56 5.62 -7.22
CA ALA A 93 10.24 5.10 -5.90
C ALA A 93 9.08 4.11 -5.97
N ALA A 94 8.09 4.40 -6.80
CA ALA A 94 6.96 3.49 -6.95
C ALA A 94 7.38 2.20 -7.64
N VAL A 95 8.27 2.31 -8.63
CA VAL A 95 8.82 1.11 -9.26
C VAL A 95 9.53 0.24 -8.23
N ARG A 96 10.35 0.87 -7.39
CA ARG A 96 11.09 0.11 -6.37
C ARG A 96 10.14 -0.50 -5.35
N LEU A 97 9.13 0.27 -4.93
CA LEU A 97 8.13 -0.27 -3.99
C LEU A 97 7.37 -1.43 -4.60
N ARG A 98 7.03 -1.35 -5.89
CA ARG A 98 6.35 -2.46 -6.56
C ARG A 98 7.22 -3.71 -6.50
N GLU A 99 8.52 -3.57 -6.75
CA GLU A 99 9.42 -4.72 -6.72
C GLU A 99 9.55 -5.26 -5.30
N GLN A 100 9.95 -4.39 -4.36
CA GLN A 100 10.22 -4.88 -3.00
C GLN A 100 8.94 -5.30 -2.30
N GLY A 101 7.85 -4.55 -2.51
CA GLY A 101 6.59 -4.92 -1.88
C GLY A 101 6.01 -6.19 -2.47
N GLY A 102 6.19 -6.39 -3.77
CA GLY A 102 5.78 -7.63 -4.40
C GLY A 102 6.38 -8.86 -3.73
N ALA A 103 7.66 -8.80 -3.39
CA ALA A 103 8.29 -9.92 -2.70
C ALA A 103 7.71 -10.09 -1.30
N VAL A 104 7.48 -8.98 -0.60
CA VAL A 104 6.88 -9.03 0.74
C VAL A 104 5.52 -9.70 0.66
N LEU A 105 4.74 -9.32 -0.34
CA LEU A 105 3.38 -9.86 -0.45
C LEU A 105 3.39 -11.32 -0.81
N ARG A 106 4.29 -11.76 -1.70
CA ARG A 106 4.34 -13.18 -2.04
C ARG A 106 4.61 -14.02 -0.83
N GLN A 107 5.59 -13.63 -0.01
CA GLN A 107 5.89 -14.38 1.19
C GLN A 107 4.72 -14.37 2.17
N ALA A 108 4.05 -13.22 2.30
CA ALA A 108 2.94 -13.13 3.24
C ALA A 108 1.78 -13.99 2.78
N ARG A 109 1.54 -14.06 1.47
CA ARG A 109 0.44 -14.89 0.98
C ARG A 109 0.72 -16.35 1.25
N ARG A 110 1.97 -16.78 1.02
CA ARG A 110 2.37 -18.15 1.38
C ARG A 110 2.03 -18.45 2.82
N GLN A 111 2.38 -17.52 3.72
CA GLN A 111 2.16 -17.78 5.14
C GLN A 111 0.67 -17.82 5.47
N ALA A 112 -0.13 -17.00 4.79
CA ALA A 112 -1.58 -17.03 4.99
C ALA A 112 -2.14 -18.40 4.61
N GLU A 113 -1.63 -18.99 3.53
CA GLU A 113 -2.15 -20.29 3.09
C GLU A 113 -1.80 -21.41 4.07
N LYS A 114 -0.73 -21.25 4.85
CA LYS A 114 -0.42 -22.23 5.89
C LYS A 114 -1.51 -22.29 6.95
N MET A 115 -2.23 -21.18 7.14
CA MET A 115 -3.29 -21.10 8.16
C MET A 115 -4.50 -21.95 7.78
N NO3 B . 7.48 0.98 -14.88
O1 NO3 B . 6.33 1.21 -14.16
O2 NO3 B . 8.07 2.07 -15.69
O3 NO3 B . 8.12 -0.45 -14.88
O 5GV C . 2.66 10.92 -5.84
C 5GV C . 2.92 11.37 -4.73
NAI 5GV C . 3.39 12.69 -4.66
CAO 5GV C . 3.71 13.29 -3.44
CAG 5GV C . 4.14 14.60 -3.37
CAM 5GV C . 4.46 15.16 -2.15
CAK 5GV C . 4.90 16.48 -2.07
OAD 5GV C . 5.24 16.96 -0.96
OAB 5GV C . 4.97 17.18 -3.11
CAE 5GV C . 4.35 14.41 -0.98
CAF 5GV C . 3.92 13.09 -1.04
CAN 5GV C . 3.60 12.54 -2.27
N 5GV C . 3.17 11.21 -2.33
CA 5GV C . 2.71 10.58 -3.60
CB 5GV C . 3.40 9.23 -3.79
CAA 5GV C . 4.92 9.47 -3.80
#